data_1IKD
#
_entry.id   1IKD
#
_cell.length_a   1.000
_cell.length_b   1.000
_cell.length_c   1.000
_cell.angle_alpha   90.00
_cell.angle_beta   90.00
_cell.angle_gamma   90.00
#
_symmetry.space_group_name_H-M   'P 1'
#
_entity_poly.entity_id   1
_entity_poly.type   'polyribonucleotide'
_entity_poly.pdbx_seq_one_letter_code
;GGGGCUCUUCGGAGCUCCACCA
;
_entity_poly.pdbx_strand_id   A
#